data_6WFG
#
_entry.id   6WFG
#
_cell.length_a   47.830
_cell.length_b   102.940
_cell.length_c   67.640
_cell.angle_alpha   90.000
_cell.angle_beta   106.710
_cell.angle_gamma   90.000
#
_symmetry.space_group_name_H-M   'P 1 21 1'
#
loop_
_entity.id
_entity.type
_entity.pdbx_description
1 polymer 'N-alpha-acetyltransferase 50'
2 non-polymer 'COENZYME A'
3 non-polymer (2S)-N-[(2S)-3-[1-(3-tert-butyl-1-methyl-1H-pyrazole-5-carbonyl)piperidin-4-yl]-1-(methylamino)-1-oxopropan-2-yl]-6-oxopiperidine-2-carboxamide
4 water water
#
_entity_poly.entity_id   1
_entity_poly.type   'polypeptide(L)'
_entity_poly.pdbx_seq_one_letter_code
;GSMKGSRIELGDVTPHNIKQLKRLNQVIFPVSYNDKFYKDVLEVGELAKLAYFNDIAVGAVCCRVDHSQNQKRLYIMTLG
CLAPYRRLGIGTKMLNHVLNICEKDGTFDNIYLHVQISNESAIDFYRKFGFEIIETKKNYYKRIEPADAHVLQKNLKVPS
GQNADVQKTDN
;
_entity_poly.pdbx_strand_id   A,C,E
#
# COMPACT_ATOMS: atom_id res chain seq x y z
N ARG A 7 17.06 5.60 11.21
CA ARG A 7 16.66 7.00 10.98
C ARG A 7 17.21 7.55 9.65
N ILE A 8 18.20 6.86 9.10
CA ILE A 8 18.89 7.21 7.85
C ILE A 8 18.42 6.29 6.73
N GLU A 9 17.85 6.89 5.69
CA GLU A 9 17.42 6.15 4.50
C GLU A 9 17.99 6.82 3.28
N LEU A 10 18.30 6.01 2.26
CA LEU A 10 18.74 6.51 0.95
C LEU A 10 17.59 6.38 -0.05
N GLY A 11 17.45 7.36 -0.93
CA GLY A 11 16.43 7.36 -1.96
C GLY A 11 17.01 7.69 -3.31
N ASP A 12 16.29 7.34 -4.38
CA ASP A 12 16.72 7.62 -5.75
C ASP A 12 16.69 9.10 -6.08
N VAL A 13 17.59 9.50 -6.98
CA VAL A 13 17.67 10.85 -7.53
C VAL A 13 16.80 10.78 -8.81
N THR A 14 15.86 11.70 -8.96
CA THR A 14 14.94 11.73 -10.11
C THR A 14 14.70 13.17 -10.58
N PRO A 15 14.09 13.40 -11.78
CA PRO A 15 13.75 14.77 -12.17
C PRO A 15 12.91 15.53 -11.15
N HIS A 16 12.14 14.81 -10.30
CA HIS A 16 11.31 15.44 -9.25
C HIS A 16 12.13 16.02 -8.08
N ASN A 17 13.30 15.44 -7.78
CA ASN A 17 14.12 15.88 -6.64
C ASN A 17 15.56 16.33 -7.02
N ILE A 18 15.89 16.39 -8.34
CA ILE A 18 17.23 16.81 -8.83
C ILE A 18 17.65 18.17 -8.26
N LYS A 19 16.69 19.11 -8.11
CA LYS A 19 16.95 20.45 -7.56
C LYS A 19 17.33 20.41 -6.09
N GLN A 20 16.82 19.39 -5.35
CA GLN A 20 17.15 19.21 -3.94
C GLN A 20 18.61 18.76 -3.81
N LEU A 21 19.06 17.87 -4.72
CA LEU A 21 20.42 17.37 -4.86
C LEU A 21 21.36 18.54 -5.21
N LYS A 22 20.99 19.34 -6.26
CA LYS A 22 21.73 20.52 -6.72
C LYS A 22 21.96 21.45 -5.53
N ARG A 23 20.89 21.78 -4.78
CA ARG A 23 20.95 22.66 -3.62
C ARG A 23 21.88 22.11 -2.52
N LEU A 24 21.75 20.79 -2.22
CA LEU A 24 22.58 20.15 -1.20
C LEU A 24 24.07 20.28 -1.57
N ASN A 25 24.43 19.93 -2.82
CA ASN A 25 25.81 20.02 -3.36
C ASN A 25 26.36 21.43 -3.29
N GLN A 26 25.53 22.44 -3.65
CA GLN A 26 25.93 23.86 -3.60
C GLN A 26 26.34 24.31 -2.20
N VAL A 27 25.70 23.79 -1.15
CA VAL A 27 25.97 24.15 0.26
C VAL A 27 27.15 23.33 0.85
N ILE A 28 27.26 22.05 0.47
CA ILE A 28 28.25 21.13 1.02
C ILE A 28 29.61 21.30 0.36
N PHE A 29 29.66 21.32 -0.95
CA PHE A 29 30.93 21.30 -1.66
C PHE A 29 31.46 22.67 -2.10
N PRO A 30 32.82 22.84 -2.13
CA PRO A 30 33.42 24.13 -2.54
C PRO A 30 33.54 24.31 -4.07
N VAL A 31 33.07 23.31 -4.84
CA VAL A 31 33.09 23.27 -6.30
C VAL A 31 31.64 23.36 -6.80
N SER A 32 31.39 24.16 -7.85
CA SER A 32 30.08 24.27 -8.46
C SER A 32 30.03 23.33 -9.65
N TYR A 33 28.94 22.54 -9.76
CA TYR A 33 28.85 21.58 -10.85
C TYR A 33 27.89 22.06 -11.94
N ASN A 34 28.31 21.83 -13.22
CA ASN A 34 27.57 22.25 -14.41
C ASN A 34 26.32 21.39 -14.64
N ASP A 35 25.49 21.75 -15.66
CA ASP A 35 24.27 21.02 -15.95
C ASP A 35 24.53 19.62 -16.49
N LYS A 36 25.73 19.36 -17.08
CA LYS A 36 26.08 18.03 -17.58
C LYS A 36 26.26 17.01 -16.43
N PHE A 37 26.81 17.47 -15.27
CA PHE A 37 27.01 16.63 -14.08
C PHE A 37 25.65 16.09 -13.60
N TYR A 38 24.65 16.98 -13.47
CA TYR A 38 23.30 16.65 -13.02
C TYR A 38 22.51 15.83 -14.04
N LYS A 39 22.81 16.02 -15.33
CA LYS A 39 22.22 15.25 -16.44
C LYS A 39 22.79 13.81 -16.40
N ASP A 40 24.11 13.68 -16.17
CA ASP A 40 24.84 12.40 -16.04
C ASP A 40 24.32 11.65 -14.79
N VAL A 41 24.07 12.37 -13.70
CA VAL A 41 23.58 11.84 -12.43
C VAL A 41 22.30 11.02 -12.63
N LEU A 42 21.35 11.54 -13.43
CA LEU A 42 20.09 10.86 -13.72
C LEU A 42 20.24 9.57 -14.53
N GLU A 43 21.38 9.40 -15.21
CA GLU A 43 21.67 8.24 -16.04
C GLU A 43 22.53 7.15 -15.37
N VAL A 44 23.18 7.46 -14.21
CA VAL A 44 24.01 6.50 -13.47
C VAL A 44 23.17 5.55 -12.56
N GLY A 45 21.88 5.85 -12.40
CA GLY A 45 20.97 5.05 -11.60
C GLY A 45 21.38 4.94 -10.13
N GLU A 46 21.64 3.70 -9.67
CA GLU A 46 22.00 3.39 -8.28
C GLU A 46 23.29 4.08 -7.78
N LEU A 47 24.12 4.63 -8.71
CA LEU A 47 25.38 5.31 -8.39
C LEU A 47 25.18 6.76 -7.89
N ALA A 48 23.91 7.21 -7.84
CA ALA A 48 23.51 8.51 -7.30
C ALA A 48 22.36 8.31 -6.29
N LYS A 49 22.51 8.79 -5.03
CA LYS A 49 21.43 8.67 -4.04
C LYS A 49 21.34 9.92 -3.20
N LEU A 50 20.13 10.22 -2.69
CA LEU A 50 19.90 11.27 -1.71
C LEU A 50 19.86 10.56 -0.32
N ALA A 51 20.37 11.22 0.72
CA ALA A 51 20.37 10.70 2.07
C ALA A 51 19.39 11.49 2.88
N TYR A 52 18.50 10.77 3.55
CA TYR A 52 17.45 11.35 4.39
C TYR A 52 17.65 10.97 5.84
N PHE A 53 17.53 11.96 6.72
CA PHE A 53 17.62 11.81 8.17
C PHE A 53 16.23 12.20 8.63
N ASN A 54 15.46 11.22 9.21
CA ASN A 54 14.05 11.43 9.60
C ASN A 54 13.21 12.08 8.47
N ASP A 55 13.38 11.59 7.24
CA ASP A 55 12.69 12.05 6.01
C ASP A 55 13.09 13.46 5.51
N ILE A 56 14.21 14.02 6.01
CA ILE A 56 14.75 15.33 5.61
C ILE A 56 15.99 15.08 4.73
N ALA A 57 16.02 15.61 3.48
CA ALA A 57 17.19 15.49 2.60
C ALA A 57 18.34 16.32 3.21
N VAL A 58 19.44 15.63 3.57
CA VAL A 58 20.60 16.22 4.29
C VAL A 58 21.94 15.87 3.61
N GLY A 59 21.92 14.97 2.63
CA GLY A 59 23.12 14.55 1.96
C GLY A 59 22.89 13.83 0.67
N ALA A 60 23.99 13.58 -0.05
CA ALA A 60 23.95 12.87 -1.33
C ALA A 60 25.30 12.27 -1.71
N VAL A 61 25.26 11.27 -2.62
CA VAL A 61 26.42 10.58 -3.16
C VAL A 61 26.22 10.46 -4.68
N CYS A 62 27.21 10.91 -5.50
CA CYS A 62 27.17 10.80 -6.98
C CYS A 62 28.46 10.13 -7.46
N CYS A 63 28.34 9.02 -8.19
CA CYS A 63 29.47 8.25 -8.74
C CYS A 63 29.33 8.09 -10.27
N ARG A 64 30.39 7.62 -10.92
CA ARG A 64 30.43 7.29 -12.34
C ARG A 64 31.39 6.15 -12.51
N VAL A 65 31.15 5.32 -13.54
CA VAL A 65 32.04 4.20 -13.88
C VAL A 65 33.14 4.82 -14.75
N ASP A 66 34.37 4.37 -14.53
CA ASP A 66 35.54 4.82 -15.27
C ASP A 66 36.36 3.64 -15.78
N HIS A 67 36.79 3.70 -17.04
CA HIS A 67 37.64 2.68 -17.66
C HIS A 67 38.98 3.35 -17.98
N SER A 68 39.98 3.12 -17.10
CA SER A 68 41.33 3.69 -17.20
C SER A 68 42.30 2.73 -16.53
N GLN A 69 43.62 2.88 -16.81
CA GLN A 69 44.71 2.02 -16.28
C GLN A 69 44.43 0.54 -16.61
N ASN A 70 43.68 0.31 -17.71
CA ASN A 70 43.21 -0.99 -18.19
C ASN A 70 42.46 -1.74 -17.07
N GLN A 71 41.62 -0.96 -16.34
CA GLN A 71 40.82 -1.40 -15.19
C GLN A 71 39.40 -0.85 -15.24
N LYS A 72 38.46 -1.56 -14.58
CA LYS A 72 37.10 -1.05 -14.39
C LYS A 72 37.12 -0.44 -12.97
N ARG A 73 36.83 0.85 -12.88
CA ARG A 73 36.95 1.61 -11.66
C ARG A 73 35.71 2.38 -11.34
N LEU A 74 35.34 2.44 -10.06
CA LEU A 74 34.22 3.26 -9.60
C LEU A 74 34.82 4.55 -9.05
N TYR A 75 34.41 5.69 -9.60
CA TYR A 75 34.88 7.00 -9.18
C TYR A 75 33.78 7.73 -8.43
N ILE A 76 34.05 8.13 -7.18
CA ILE A 76 33.08 8.88 -6.39
C ILE A 76 33.32 10.35 -6.68
N MET A 77 32.33 11.03 -7.27
CA MET A 77 32.49 12.44 -7.62
C MET A 77 32.18 13.30 -6.41
N THR A 78 31.05 13.00 -5.72
CA THR A 78 30.61 13.76 -4.55
C THR A 78 30.00 12.81 -3.53
N LEU A 79 30.31 13.03 -2.27
CA LEU A 79 29.77 12.26 -1.16
C LEU A 79 29.81 13.20 0.03
N GLY A 80 28.65 13.58 0.51
CA GLY A 80 28.64 14.49 1.64
C GLY A 80 27.30 14.73 2.25
N CYS A 81 27.32 15.40 3.40
CA CYS A 81 26.09 15.76 4.05
C CYS A 81 26.25 17.10 4.79
N LEU A 82 25.11 17.78 5.06
CA LEU A 82 25.06 19.06 5.77
C LEU A 82 25.77 18.96 7.10
N ALA A 83 26.58 19.99 7.43
CA ALA A 83 27.38 20.12 8.65
C ALA A 83 26.63 19.78 9.95
N PRO A 84 25.38 20.26 10.25
CA PRO A 84 24.72 19.84 11.49
C PRO A 84 24.35 18.35 11.61
N TYR A 85 24.44 17.59 10.51
CA TYR A 85 24.04 16.18 10.49
C TYR A 85 25.24 15.24 10.40
N ARG A 86 26.45 15.79 10.45
CA ARG A 86 27.67 14.99 10.38
C ARG A 86 27.87 14.17 11.64
N ARG A 87 28.58 13.03 11.50
CA ARG A 87 28.91 12.07 12.57
C ARG A 87 27.70 11.33 13.11
N LEU A 88 26.72 11.03 12.25
CA LEU A 88 25.53 10.28 12.65
C LEU A 88 25.46 8.96 11.89
N GLY A 89 26.43 8.72 11.01
CA GLY A 89 26.46 7.54 10.18
C GLY A 89 25.91 7.73 8.77
N ILE A 90 25.57 8.99 8.38
CA ILE A 90 25.01 9.30 7.04
C ILE A 90 26.05 9.03 5.93
N GLY A 91 27.28 9.51 6.12
CA GLY A 91 28.38 9.23 5.18
C GLY A 91 28.64 7.73 5.02
N THR A 92 28.70 6.98 6.15
CA THR A 92 28.91 5.50 6.22
C THR A 92 27.82 4.74 5.45
N LYS A 93 26.57 5.15 5.61
CA LYS A 93 25.45 4.56 4.91
C LYS A 93 25.59 4.77 3.36
N MET A 94 26.07 5.96 2.91
CA MET A 94 26.27 6.25 1.48
C MET A 94 27.51 5.50 0.95
N LEU A 95 28.59 5.47 1.73
CA LEU A 95 29.78 4.75 1.32
C LEU A 95 29.50 3.22 1.30
N ASN A 96 28.81 2.68 2.31
CA ASN A 96 28.43 1.25 2.34
C ASN A 96 27.56 0.88 1.16
N HIS A 97 26.61 1.76 0.78
CA HIS A 97 25.79 1.56 -0.42
C HIS A 97 26.64 1.42 -1.68
N VAL A 98 27.64 2.29 -1.87
CA VAL A 98 28.45 2.23 -3.08
C VAL A 98 29.37 1.00 -3.04
N LEU A 99 29.93 0.65 -1.85
CA LEU A 99 30.75 -0.56 -1.69
C LEU A 99 29.90 -1.81 -2.00
N ASN A 100 28.59 -1.79 -1.64
CA ASN A 100 27.64 -2.87 -1.87
C ASN A 100 27.31 -3.06 -3.36
N ILE A 101 27.19 -1.96 -4.14
CA ILE A 101 26.98 -2.01 -5.59
C ILE A 101 28.17 -2.78 -6.21
N CYS A 102 29.42 -2.36 -5.91
CA CYS A 102 30.65 -2.99 -6.37
C CYS A 102 30.78 -4.45 -5.98
N GLU A 103 30.45 -4.80 -4.73
CA GLU A 103 30.51 -6.17 -4.22
C GLU A 103 29.55 -7.11 -4.98
N LYS A 104 28.32 -6.64 -5.23
CA LYS A 104 27.30 -7.40 -5.96
C LYS A 104 27.65 -7.53 -7.45
N ASP A 105 28.18 -6.44 -8.06
CA ASP A 105 28.57 -6.38 -9.47
C ASP A 105 29.73 -7.35 -9.77
N GLY A 106 30.80 -7.27 -8.96
CA GLY A 106 31.94 -8.18 -9.02
C GLY A 106 33.03 -7.88 -10.04
N THR A 107 32.77 -6.96 -10.99
CA THR A 107 33.72 -6.64 -12.06
C THR A 107 34.58 -5.37 -11.81
N PHE A 108 34.42 -4.69 -10.63
CA PHE A 108 35.22 -3.49 -10.34
C PHE A 108 36.58 -3.84 -9.75
N ASP A 109 37.64 -3.22 -10.27
CA ASP A 109 39.00 -3.41 -9.76
C ASP A 109 39.24 -2.57 -8.50
N ASN A 110 38.74 -1.32 -8.50
CA ASN A 110 38.92 -0.37 -7.41
C ASN A 110 37.91 0.77 -7.40
N ILE A 111 37.96 1.53 -6.33
CA ILE A 111 37.15 2.72 -6.10
C ILE A 111 38.08 3.83 -5.73
N TYR A 112 37.95 4.96 -6.43
CA TYR A 112 38.80 6.10 -6.16
C TYR A 112 38.01 7.40 -6.18
N LEU A 113 38.62 8.46 -5.68
CA LEU A 113 38.04 9.80 -5.57
C LEU A 113 39.16 10.84 -5.32
N HIS A 114 38.80 12.11 -5.35
CA HIS A 114 39.70 13.20 -5.04
C HIS A 114 39.28 13.85 -3.74
N VAL A 115 40.25 14.14 -2.87
CA VAL A 115 39.99 14.79 -1.61
C VAL A 115 40.96 15.95 -1.50
N GLN A 116 40.44 17.18 -1.50
CA GLN A 116 41.21 18.42 -1.30
C GLN A 116 42.05 18.20 -0.01
N ILE A 117 43.37 18.47 -0.08
CA ILE A 117 44.37 18.20 0.99
C ILE A 117 44.02 18.80 2.37
N SER A 118 43.24 19.91 2.43
CA SER A 118 42.85 20.55 3.68
C SER A 118 41.67 19.85 4.38
N ASN A 119 41.03 18.91 3.68
CA ASN A 119 39.86 18.19 4.15
C ASN A 119 40.28 16.95 4.94
N GLU A 120 40.68 17.23 6.19
CA GLU A 120 41.20 16.29 7.16
C GLU A 120 40.18 15.25 7.62
N SER A 121 38.91 15.67 7.84
CA SER A 121 37.84 14.76 8.25
C SER A 121 37.46 13.81 7.12
N ALA A 122 37.61 14.23 5.84
CA ALA A 122 37.32 13.35 4.72
C ALA A 122 38.43 12.31 4.58
N ILE A 123 39.70 12.69 4.79
CA ILE A 123 40.84 11.76 4.76
C ILE A 123 40.63 10.68 5.82
N ASP A 124 40.31 11.10 7.07
CA ASP A 124 40.01 10.25 8.22
C ASP A 124 38.88 9.26 7.92
N PHE A 125 37.81 9.76 7.30
CA PHE A 125 36.62 9.00 6.96
C PHE A 125 36.96 7.90 5.95
N TYR A 126 37.63 8.26 4.84
CA TYR A 126 37.99 7.31 3.79
C TYR A 126 39.05 6.31 4.24
N ARG A 127 40.05 6.73 5.03
CA ARG A 127 41.06 5.77 5.53
C ARG A 127 40.47 4.68 6.44
N LYS A 128 39.41 5.03 7.19
CA LYS A 128 38.65 4.14 8.08
C LYS A 128 38.01 2.99 7.29
N PHE A 129 37.73 3.24 6.01
CA PHE A 129 37.12 2.27 5.13
C PHE A 129 38.14 1.49 4.25
N GLY A 130 39.44 1.67 4.50
CA GLY A 130 40.47 0.98 3.74
C GLY A 130 40.98 1.69 2.50
N PHE A 131 40.60 2.97 2.30
CA PHE A 131 41.11 3.76 1.17
C PHE A 131 42.53 4.24 1.54
N GLU A 132 43.41 4.35 0.54
CA GLU A 132 44.77 4.81 0.77
C GLU A 132 45.02 6.00 -0.10
N ILE A 133 45.89 6.92 0.38
CA ILE A 133 46.33 8.04 -0.45
C ILE A 133 47.38 7.41 -1.37
N ILE A 134 47.09 7.32 -2.67
CA ILE A 134 48.00 6.70 -3.63
C ILE A 134 48.81 7.75 -4.41
N GLU A 135 48.38 9.02 -4.35
CA GLU A 135 49.00 10.15 -5.06
C GLU A 135 48.43 11.46 -4.56
N THR A 136 49.21 12.53 -4.67
CA THR A 136 48.75 13.89 -4.38
C THR A 136 48.91 14.68 -5.68
N LYS A 137 47.78 14.95 -6.35
CA LYS A 137 47.75 15.72 -7.60
C LYS A 137 47.91 17.19 -7.28
N LYS A 138 48.97 17.82 -7.79
CA LYS A 138 49.22 19.24 -7.59
C LYS A 138 48.30 20.02 -8.49
N ASN A 139 47.79 21.18 -8.00
CA ASN A 139 46.87 22.05 -8.73
C ASN A 139 45.71 21.30 -9.43
N TYR A 140 45.00 20.44 -8.67
CA TYR A 140 43.83 19.72 -9.18
C TYR A 140 42.66 20.70 -9.34
N TYR A 141 42.44 21.59 -8.37
CA TYR A 141 41.37 22.58 -8.40
C TYR A 141 41.84 23.89 -9.01
N LYS A 142 40.92 24.62 -9.65
CA LYS A 142 41.29 25.84 -10.34
C LYS A 142 40.90 27.12 -9.62
N ARG A 143 39.71 27.19 -9.04
CA ARG A 143 39.27 28.40 -8.37
C ARG A 143 39.30 28.34 -6.84
N ILE A 144 39.88 27.27 -6.27
CA ILE A 144 39.85 27.14 -4.80
C ILE A 144 41.22 26.83 -4.17
N GLU A 145 41.39 27.28 -2.90
CA GLU A 145 42.65 27.11 -2.15
C GLU A 145 42.50 26.26 -0.87
N PRO A 146 43.35 25.24 -0.65
CA PRO A 146 44.47 24.80 -1.52
C PRO A 146 43.96 24.08 -2.76
N ALA A 147 44.70 24.17 -3.86
CA ALA A 147 44.34 23.60 -5.15
C ALA A 147 44.77 22.13 -5.29
N ASP A 148 45.57 21.61 -4.33
CA ASP A 148 46.01 20.22 -4.41
C ASP A 148 44.97 19.24 -3.85
N ALA A 149 44.87 18.05 -4.45
CA ALA A 149 43.96 17.01 -4.01
C ALA A 149 44.69 15.68 -3.91
N HIS A 150 44.39 14.94 -2.85
CA HIS A 150 44.90 13.58 -2.67
C HIS A 150 43.98 12.71 -3.52
N VAL A 151 44.52 11.62 -4.06
CA VAL A 151 43.74 10.64 -4.76
C VAL A 151 43.61 9.49 -3.79
N LEU A 152 42.38 9.13 -3.39
CA LEU A 152 42.13 8.04 -2.46
C LEU A 152 41.57 6.85 -3.17
N GLN A 153 42.13 5.67 -2.88
CA GLN A 153 41.74 4.45 -3.56
C GLN A 153 41.69 3.26 -2.65
N LYS A 154 40.61 2.50 -2.78
CA LYS A 154 40.37 1.24 -2.11
C LYS A 154 40.38 0.13 -3.22
N ASN A 155 41.26 -0.85 -3.04
CA ASN A 155 41.35 -1.99 -3.95
C ASN A 155 40.29 -3.02 -3.62
N LEU A 156 39.63 -3.55 -4.66
CA LEU A 156 38.55 -4.52 -4.54
C LEU A 156 38.94 -5.92 -5.05
N GLY B 5 7.04 0.17 26.59
CA GLY B 5 7.55 -1.11 26.11
C GLY B 5 6.83 -1.64 24.90
N SER B 6 6.58 -0.74 23.93
CA SER B 6 5.93 -1.02 22.65
C SER B 6 6.68 -0.17 21.62
N ARG B 7 7.79 -0.71 21.14
CA ARG B 7 8.68 -0.08 20.19
C ARG B 7 8.65 -0.86 18.86
N ILE B 8 8.07 -0.22 17.82
CA ILE B 8 7.93 -0.78 16.48
C ILE B 8 8.98 -0.13 15.60
N GLU B 9 9.79 -0.94 14.92
CA GLU B 9 10.85 -0.44 14.04
C GLU B 9 10.95 -1.26 12.78
N LEU B 10 11.49 -0.66 11.73
CA LEU B 10 11.74 -1.38 10.47
C LEU B 10 13.24 -1.63 10.29
N GLY B 11 13.58 -2.71 9.62
CA GLY B 11 14.97 -3.04 9.35
C GLY B 11 15.14 -3.59 7.95
N ASP B 12 16.36 -3.50 7.43
CA ASP B 12 16.70 -3.95 6.08
C ASP B 12 16.73 -5.44 5.92
N VAL B 13 16.35 -5.89 4.72
CA VAL B 13 16.42 -7.31 4.38
C VAL B 13 17.83 -7.52 3.77
N THR B 14 18.63 -8.41 4.39
CA THR B 14 20.02 -8.72 4.00
C THR B 14 20.18 -10.24 3.77
N PRO B 15 21.32 -10.73 3.20
CA PRO B 15 21.46 -12.20 2.99
C PRO B 15 21.55 -12.99 4.29
N HIS B 16 21.87 -12.30 5.40
CA HIS B 16 21.97 -12.87 6.73
C HIS B 16 20.59 -13.12 7.37
N ASN B 17 19.57 -12.26 7.07
CA ASN B 17 18.22 -12.42 7.63
C ASN B 17 17.15 -12.81 6.60
N ILE B 18 17.51 -12.98 5.30
CA ILE B 18 16.57 -13.36 4.22
C ILE B 18 15.79 -14.63 4.60
N LYS B 19 16.40 -15.51 5.42
CA LYS B 19 15.83 -16.75 5.94
C LYS B 19 14.73 -16.50 6.98
N GLN B 20 14.89 -15.45 7.81
CA GLN B 20 13.90 -15.02 8.79
C GLN B 20 12.68 -14.43 8.05
N LEU B 21 12.92 -13.71 6.94
CA LEU B 21 11.89 -13.15 6.08
C LEU B 21 11.06 -14.28 5.47
N LYS B 22 11.72 -15.29 4.87
CA LYS B 22 11.08 -16.46 4.27
C LYS B 22 10.29 -17.21 5.32
N ARG B 23 10.84 -17.33 6.54
CA ARG B 23 10.17 -17.94 7.69
C ARG B 23 8.83 -17.20 7.93
N LEU B 24 8.90 -15.84 8.07
CA LEU B 24 7.75 -14.98 8.31
C LEU B 24 6.71 -15.08 7.21
N ASN B 25 7.13 -14.98 5.94
CA ASN B 25 6.24 -15.10 4.78
C ASN B 25 5.56 -16.46 4.67
N GLN B 26 6.23 -17.54 5.09
CA GLN B 26 5.64 -18.89 5.02
C GLN B 26 4.49 -19.09 6.01
N VAL B 27 4.56 -18.44 7.18
CA VAL B 27 3.54 -18.48 8.23
C VAL B 27 2.36 -17.48 7.96
N ILE B 28 2.65 -16.28 7.42
CA ILE B 28 1.65 -15.23 7.24
C ILE B 28 0.77 -15.43 6.02
N PHE B 29 1.39 -15.71 4.89
CA PHE B 29 0.73 -15.75 3.59
C PHE B 29 0.28 -17.16 3.12
N PRO B 30 -0.85 -17.22 2.37
CA PRO B 30 -1.35 -18.53 1.87
C PRO B 30 -0.55 -19.03 0.65
N VAL B 31 0.38 -18.21 0.10
CA VAL B 31 1.24 -18.51 -1.05
C VAL B 31 2.70 -18.70 -0.61
N SER B 32 3.37 -19.72 -1.18
CA SER B 32 4.79 -20.00 -0.98
C SER B 32 5.54 -19.33 -2.10
N TYR B 33 6.65 -18.64 -1.78
CA TYR B 33 7.42 -17.94 -2.79
C TYR B 33 8.71 -18.64 -3.16
N ASN B 34 8.96 -18.70 -4.48
CA ASN B 34 10.13 -19.34 -5.06
C ASN B 34 11.44 -18.62 -4.73
N ASP B 35 12.56 -19.23 -5.13
CA ASP B 35 13.93 -18.74 -4.92
C ASP B 35 14.17 -17.39 -5.60
N LYS B 36 13.59 -17.19 -6.79
CA LYS B 36 13.70 -15.95 -7.57
C LYS B 36 13.12 -14.77 -6.78
N PHE B 37 11.99 -14.98 -6.04
CA PHE B 37 11.33 -13.97 -5.19
C PHE B 37 12.31 -13.44 -4.14
N TYR B 38 12.89 -14.34 -3.32
CA TYR B 38 13.83 -13.97 -2.26
C TYR B 38 15.14 -13.39 -2.82
N LYS B 39 15.48 -13.74 -4.08
CA LYS B 39 16.63 -13.16 -4.77
C LYS B 39 16.26 -11.70 -5.13
N ASP B 40 15.07 -11.52 -5.78
CA ASP B 40 14.48 -10.23 -6.19
C ASP B 40 14.36 -9.26 -5.00
N VAL B 41 13.97 -9.78 -3.82
CA VAL B 41 13.78 -9.04 -2.56
C VAL B 41 15.09 -8.31 -2.13
N LEU B 42 16.26 -8.97 -2.27
CA LEU B 42 17.55 -8.35 -1.94
C LEU B 42 17.98 -7.23 -2.92
N GLU B 43 17.42 -7.22 -4.14
CA GLU B 43 17.76 -6.24 -5.18
C GLU B 43 16.89 -4.96 -5.19
N VAL B 44 15.74 -4.92 -4.46
CA VAL B 44 14.81 -3.77 -4.46
C VAL B 44 15.15 -2.70 -3.40
N GLY B 45 16.18 -2.94 -2.58
CA GLY B 45 16.65 -2.02 -1.55
C GLY B 45 15.64 -1.78 -0.45
N GLU B 46 15.27 -0.49 -0.24
CA GLU B 46 14.30 0.00 0.75
C GLU B 46 12.84 -0.43 0.48
N LEU B 47 12.58 -1.04 -0.70
CA LEU B 47 11.25 -1.53 -1.09
C LEU B 47 10.93 -2.89 -0.43
N ALA B 48 11.89 -3.43 0.36
CA ALA B 48 11.74 -4.65 1.16
C ALA B 48 12.24 -4.32 2.55
N LYS B 49 11.37 -4.53 3.57
CA LYS B 49 11.70 -4.27 4.96
C LYS B 49 11.17 -5.37 5.89
N LEU B 50 11.79 -5.50 7.04
CA LEU B 50 11.38 -6.41 8.10
C LEU B 50 10.84 -5.54 9.19
N ALA B 51 9.72 -5.94 9.82
CA ALA B 51 9.09 -5.18 10.91
C ALA B 51 9.45 -5.84 12.24
N TYR B 52 9.73 -5.02 13.24
CA TYR B 52 10.14 -5.46 14.56
C TYR B 52 9.28 -4.88 15.65
N PHE B 53 8.86 -5.73 16.60
CA PHE B 53 8.15 -5.31 17.80
C PHE B 53 9.11 -5.66 18.95
N ASN B 54 9.65 -4.64 19.66
CA ASN B 54 10.61 -4.79 20.77
C ASN B 54 11.76 -5.73 20.41
N ASP B 55 12.33 -5.57 19.17
CA ASP B 55 13.44 -6.31 18.55
C ASP B 55 13.09 -7.71 18.06
N ILE B 56 11.78 -8.07 18.05
CA ILE B 56 11.34 -9.36 17.53
C ILE B 56 10.83 -9.11 16.11
N ALA B 57 11.32 -9.89 15.14
CA ALA B 57 10.90 -9.79 13.75
C ALA B 57 9.51 -10.45 13.69
N VAL B 58 8.48 -9.65 13.42
CA VAL B 58 7.08 -10.09 13.46
C VAL B 58 6.31 -9.84 12.13
N GLY B 59 6.96 -9.21 11.17
CA GLY B 59 6.31 -8.91 9.92
C GLY B 59 7.26 -8.43 8.87
N ALA B 60 6.75 -8.15 7.66
CA ALA B 60 7.59 -7.69 6.56
C ALA B 60 6.79 -7.14 5.40
N VAL B 61 7.45 -6.30 4.62
CA VAL B 61 6.89 -5.73 3.41
C VAL B 61 7.90 -5.96 2.25
N CYS B 62 7.46 -6.54 1.10
CA CYS B 62 8.31 -6.77 -0.09
C CYS B 62 7.59 -6.16 -1.29
N CYS B 63 8.24 -5.21 -1.95
CA CYS B 63 7.67 -4.48 -3.09
C CYS B 63 8.61 -4.55 -4.29
N ARG B 64 8.11 -4.16 -5.48
CA ARG B 64 8.88 -4.10 -6.72
C ARG B 64 8.30 -2.99 -7.61
N VAL B 65 9.15 -2.38 -8.45
CA VAL B 65 8.73 -1.35 -9.39
C VAL B 65 8.17 -2.09 -10.62
N ASP B 66 7.06 -1.60 -11.15
CA ASP B 66 6.43 -2.15 -12.33
C ASP B 66 6.24 -1.04 -13.36
N HIS B 67 6.66 -1.32 -14.59
CA HIS B 67 6.48 -0.39 -15.72
C HIS B 67 5.47 -1.07 -16.65
N SER B 68 4.18 -0.71 -16.50
CA SER B 68 3.06 -1.27 -17.28
C SER B 68 1.99 -0.21 -17.46
N GLN B 69 1.17 -0.32 -18.52
CA GLN B 69 0.09 0.62 -18.89
C GLN B 69 0.62 2.06 -19.11
N ASN B 70 1.89 2.20 -19.63
CA ASN B 70 2.60 3.47 -19.87
C ASN B 70 2.72 4.29 -18.57
N GLN B 71 2.98 3.59 -17.47
CA GLN B 71 3.07 4.13 -16.11
C GLN B 71 4.24 3.51 -15.32
N LYS B 72 4.71 4.23 -14.30
CA LYS B 72 5.71 3.76 -13.34
C LYS B 72 4.87 3.53 -12.09
N ARG B 73 4.73 2.26 -11.72
CA ARG B 73 3.86 1.87 -10.61
C ARG B 73 4.61 1.11 -9.54
N LEU B 74 4.21 1.30 -8.27
CA LEU B 74 4.79 0.49 -7.21
C LEU B 74 3.85 -0.67 -6.97
N TYR B 75 4.38 -1.89 -7.01
CA TYR B 75 3.62 -3.09 -6.74
C TYR B 75 4.00 -3.65 -5.38
N ILE B 76 3.03 -3.84 -4.48
CA ILE B 76 3.21 -4.48 -3.18
C ILE B 76 2.99 -5.98 -3.40
N MET B 77 4.03 -6.79 -3.23
CA MET B 77 3.95 -8.23 -3.44
C MET B 77 3.38 -8.86 -2.19
N THR B 78 4.00 -8.50 -1.03
CA THR B 78 3.62 -8.94 0.30
C THR B 78 3.76 -7.77 1.28
N LEU B 79 2.86 -7.71 2.25
CA LEU B 79 2.82 -6.76 3.36
C LEU B 79 2.02 -7.46 4.44
N GLY B 80 2.65 -7.83 5.55
CA GLY B 80 1.90 -8.52 6.58
C GLY B 80 2.65 -8.69 7.88
N CYS B 81 1.93 -9.14 8.88
CA CYS B 81 2.55 -9.42 10.16
C CYS B 81 1.86 -10.59 10.88
N LEU B 82 2.58 -11.21 11.82
CA LEU B 82 2.08 -12.36 12.56
C LEU B 82 0.79 -11.94 13.27
N ALA B 83 -0.26 -12.81 13.23
CA ALA B 83 -1.59 -12.58 13.84
C ALA B 83 -1.53 -12.02 15.28
N PRO B 84 -0.65 -12.52 16.19
CA PRO B 84 -0.63 -11.96 17.56
C PRO B 84 -0.23 -10.48 17.68
N TYR B 85 0.40 -9.94 16.63
CA TYR B 85 0.90 -8.57 16.63
C TYR B 85 0.07 -7.64 15.73
N ARG B 86 -1.06 -8.13 15.21
CA ARG B 86 -1.95 -7.30 14.38
C ARG B 86 -2.68 -6.23 15.19
N ARG B 87 -3.20 -5.17 14.52
CA ARG B 87 -3.93 -4.07 15.16
C ARG B 87 -3.09 -3.32 16.20
N LEU B 88 -1.78 -3.18 15.94
CA LEU B 88 -0.82 -2.48 16.80
C LEU B 88 -0.08 -1.39 16.03
N GLY B 89 -0.43 -1.19 14.75
CA GLY B 89 0.20 -0.17 13.91
C GLY B 89 1.39 -0.63 13.09
N ILE B 90 1.69 -1.95 13.08
CA ILE B 90 2.82 -2.48 12.31
C ILE B 90 2.58 -2.39 10.79
N GLY B 91 1.37 -2.74 10.34
CA GLY B 91 1.01 -2.66 8.93
C GLY B 91 1.08 -1.21 8.44
N THR B 92 0.56 -0.27 9.26
CA THR B 92 0.60 1.19 9.01
C THR B 92 2.04 1.69 8.85
N LYS B 93 2.94 1.24 9.74
CA LYS B 93 4.35 1.63 9.67
C LYS B 93 5.01 1.14 8.34
N MET B 94 4.75 -0.11 7.95
CA MET B 94 5.27 -0.67 6.70
C MET B 94 4.70 0.05 5.46
N LEU B 95 3.37 0.30 5.45
CA LEU B 95 2.72 0.99 4.33
C LEU B 95 3.14 2.46 4.25
N ASN B 96 3.22 3.17 5.39
CA ASN B 96 3.67 4.58 5.41
C ASN B 96 5.09 4.69 4.87
N HIS B 97 5.95 3.70 5.20
CA HIS B 97 7.31 3.61 4.71
C HIS B 97 7.36 3.54 3.19
N VAL B 98 6.56 2.65 2.55
CA VAL B 98 6.57 2.53 1.08
C VAL B 98 5.96 3.80 0.43
N LEU B 99 4.91 4.41 1.05
CA LEU B 99 4.31 5.65 0.53
C LEU B 99 5.29 6.84 0.59
N ASN B 100 6.11 6.91 1.67
CA ASN B 100 7.11 7.96 1.88
C ASN B 100 8.23 7.84 0.85
N ILE B 101 8.59 6.61 0.44
CA ILE B 101 9.58 6.38 -0.61
C ILE B 101 9.09 6.98 -1.93
N CYS B 102 7.87 6.62 -2.34
CA CYS B 102 7.19 7.09 -3.54
C CYS B 102 7.12 8.60 -3.59
N GLU B 103 6.75 9.22 -2.46
CA GLU B 103 6.61 10.66 -2.29
C GLU B 103 7.95 11.41 -2.51
N LYS B 104 9.06 10.96 -1.88
CA LYS B 104 10.41 11.55 -2.00
C LYS B 104 10.94 11.38 -3.42
N ASP B 105 10.56 10.28 -4.11
CA ASP B 105 10.95 9.96 -5.47
C ASP B 105 10.16 10.88 -6.44
N GLY B 106 8.84 10.89 -6.28
CA GLY B 106 7.88 11.71 -7.03
C GLY B 106 7.55 11.31 -8.45
N THR B 107 8.05 10.16 -8.94
CA THR B 107 7.81 9.71 -10.32
C THR B 107 6.88 8.47 -10.44
N PHE B 108 6.27 8.06 -9.34
CA PHE B 108 5.32 6.94 -9.36
C PHE B 108 3.92 7.47 -9.69
N ASP B 109 3.25 6.78 -10.60
CA ASP B 109 1.89 7.06 -11.04
C ASP B 109 0.91 6.54 -10.00
N ASN B 110 1.15 5.30 -9.52
CA ASN B 110 0.31 4.69 -8.49
C ASN B 110 1.01 3.58 -7.76
N ILE B 111 0.31 3.06 -6.76
CA ILE B 111 0.70 1.89 -5.99
C ILE B 111 -0.48 0.93 -6.08
N TYR B 112 -0.20 -0.35 -6.37
CA TYR B 112 -1.23 -1.36 -6.46
C TYR B 112 -0.73 -2.67 -5.89
N LEU B 113 -1.66 -3.62 -5.67
CA LEU B 113 -1.42 -4.94 -5.12
C LEU B 113 -2.64 -5.82 -5.36
N HIS B 114 -2.49 -7.11 -5.05
CA HIS B 114 -3.56 -8.10 -5.16
C HIS B 114 -3.97 -8.53 -3.77
N VAL B 115 -5.26 -8.64 -3.55
CA VAL B 115 -5.82 -9.13 -2.30
C VAL B 115 -6.84 -10.22 -2.62
N GLN B 116 -6.64 -11.42 -2.08
CA GLN B 116 -7.58 -12.53 -2.21
C GLN B 116 -8.92 -12.00 -1.68
N ILE B 117 -9.99 -12.12 -2.49
CA ILE B 117 -11.34 -11.59 -2.23
C ILE B 117 -11.92 -11.94 -0.84
N SER B 118 -11.44 -13.02 -0.21
CA SER B 118 -11.90 -13.46 1.11
C SER B 118 -11.22 -12.71 2.28
N ASN B 119 -10.18 -11.90 1.98
CA ASN B 119 -9.40 -11.21 3.01
C ASN B 119 -10.01 -9.86 3.41
N GLU B 120 -11.03 -9.91 4.32
CA GLU B 120 -11.78 -8.76 4.86
C GLU B 120 -10.90 -7.73 5.51
N SER B 121 -10.02 -8.19 6.41
CA SER B 121 -9.07 -7.36 7.15
C SER B 121 -8.12 -6.57 6.23
N ALA B 122 -7.56 -7.20 5.19
CA ALA B 122 -6.69 -6.52 4.23
C ALA B 122 -7.51 -5.56 3.34
N ILE B 123 -8.79 -5.89 3.02
CA ILE B 123 -9.62 -4.94 2.23
C ILE B 123 -9.85 -3.67 3.07
N ASP B 124 -10.29 -3.84 4.33
CA ASP B 124 -10.52 -2.76 5.29
C ASP B 124 -9.27 -1.89 5.49
N PHE B 125 -8.10 -2.53 5.70
CA PHE B 125 -6.80 -1.88 5.87
C PHE B 125 -6.41 -1.00 4.69
N TYR B 126 -6.39 -1.55 3.49
CA TYR B 126 -6.04 -0.75 2.30
C TYR B 126 -7.06 0.34 1.98
N ARG B 127 -8.36 0.06 2.18
CA ARG B 127 -9.42 1.06 1.90
C ARG B 127 -9.31 2.28 2.83
N LYS B 128 -8.89 2.04 4.10
CA LYS B 128 -8.61 3.06 5.11
C LYS B 128 -7.48 3.99 4.62
N PHE B 129 -6.52 3.49 3.80
CA PHE B 129 -5.43 4.30 3.22
C PHE B 129 -5.75 4.95 1.90
N GLY B 130 -6.99 4.85 1.43
CA GLY B 130 -7.34 5.45 0.15
C GLY B 130 -7.17 4.54 -1.05
N PHE B 131 -6.88 3.24 -0.84
CA PHE B 131 -6.79 2.30 -1.99
C PHE B 131 -8.19 1.98 -2.44
N GLU B 132 -8.38 1.84 -3.75
CA GLU B 132 -9.69 1.48 -4.30
C GLU B 132 -9.58 0.15 -5.03
N ILE B 133 -10.63 -0.68 -4.94
CA ILE B 133 -10.68 -1.92 -5.73
C ILE B 133 -11.08 -1.45 -7.12
N ILE B 134 -10.16 -1.59 -8.07
CA ILE B 134 -10.36 -1.12 -9.44
C ILE B 134 -10.70 -2.27 -10.40
N GLU B 135 -10.53 -3.53 -9.94
CA GLU B 135 -10.79 -4.74 -10.72
C GLU B 135 -10.77 -5.96 -9.80
N THR B 136 -11.39 -7.05 -10.24
CA THR B 136 -11.33 -8.36 -9.57
C THR B 136 -10.86 -9.42 -10.58
N LYS B 137 -9.63 -9.91 -10.39
CA LYS B 137 -8.97 -10.93 -11.20
C LYS B 137 -9.49 -12.33 -10.89
N LYS B 138 -10.32 -12.88 -11.79
CA LYS B 138 -10.90 -14.21 -11.65
C LYS B 138 -9.84 -15.29 -11.84
N ASN B 139 -9.77 -16.26 -10.90
CA ASN B 139 -8.80 -17.35 -10.86
C ASN B 139 -7.35 -16.86 -10.96
N TYR B 140 -7.00 -15.85 -10.13
CA TYR B 140 -5.67 -15.24 -10.03
C TYR B 140 -4.70 -16.23 -9.41
N TYR B 141 -5.17 -16.93 -8.36
CA TYR B 141 -4.41 -17.91 -7.61
C TYR B 141 -4.65 -19.30 -8.20
N LYS B 142 -3.54 -19.98 -8.55
CA LYS B 142 -3.57 -21.30 -9.18
C LYS B 142 -3.74 -22.49 -8.21
N ARG B 143 -3.35 -22.34 -6.93
CA ARG B 143 -3.43 -23.48 -6.00
C ARG B 143 -4.33 -23.30 -4.76
N ILE B 144 -4.71 -22.06 -4.42
CA ILE B 144 -5.53 -21.80 -3.23
C ILE B 144 -6.97 -21.37 -3.58
N GLU B 145 -7.88 -21.43 -2.58
CA GLU B 145 -9.28 -21.03 -2.75
C GLU B 145 -9.73 -20.03 -1.66
N PRO B 146 -10.54 -18.99 -1.97
CA PRO B 146 -11.00 -18.56 -3.31
C PRO B 146 -9.81 -18.13 -4.17
N ALA B 147 -9.91 -18.40 -5.46
CA ALA B 147 -8.85 -18.14 -6.43
C ALA B 147 -8.81 -16.71 -6.93
N ASP B 148 -9.89 -15.97 -6.74
CA ASP B 148 -10.02 -14.59 -7.20
C ASP B 148 -9.29 -13.60 -6.30
N ALA B 149 -8.74 -12.55 -6.91
CA ALA B 149 -8.04 -11.50 -6.20
C ALA B 149 -8.53 -10.14 -6.65
N HIS B 150 -8.81 -9.25 -5.69
CA HIS B 150 -9.15 -7.87 -5.98
C HIS B 150 -7.82 -7.19 -6.32
N VAL B 151 -7.84 -6.23 -7.23
CA VAL B 151 -6.69 -5.39 -7.52
C VAL B 151 -7.00 -4.08 -6.79
N LEU B 152 -6.18 -3.70 -5.81
CA LEU B 152 -6.38 -2.46 -5.05
C LEU B 152 -5.35 -1.43 -5.46
N GLN B 153 -5.82 -0.24 -5.83
CA GLN B 153 -4.89 0.78 -6.31
C GLN B 153 -5.08 2.11 -5.61
N LYS B 154 -3.97 2.80 -5.35
CA LYS B 154 -3.98 4.15 -4.79
C LYS B 154 -3.24 5.03 -5.77
N ASN B 155 -3.90 6.09 -6.28
CA ASN B 155 -3.25 7.03 -7.21
C ASN B 155 -2.36 7.96 -6.42
N LEU B 156 -1.12 8.20 -6.91
CA LEU B 156 -0.13 9.08 -6.28
C LEU B 156 0.04 10.42 -7.01
N SER C 6 -14.41 -0.78 -11.71
CA SER C 6 -15.21 -1.62 -10.81
C SER C 6 -16.71 -1.54 -11.08
N ARG C 7 -17.42 -2.68 -11.00
CA ARG C 7 -18.84 -2.68 -11.33
C ARG C 7 -19.73 -3.24 -10.24
N ILE C 8 -20.86 -2.55 -10.08
CA ILE C 8 -21.94 -2.92 -9.18
C ILE C 8 -23.14 -3.19 -10.05
N GLU C 9 -23.62 -4.43 -10.03
CA GLU C 9 -24.81 -4.85 -10.77
C GLU C 9 -25.71 -5.71 -9.92
N LEU C 10 -27.00 -5.65 -10.22
CA LEU C 10 -28.01 -6.45 -9.54
C LEU C 10 -28.40 -7.62 -10.46
N GLY C 11 -28.59 -8.77 -9.85
CA GLY C 11 -28.96 -10.00 -10.53
C GLY C 11 -30.11 -10.68 -9.84
N ASP C 12 -30.96 -11.37 -10.63
CA ASP C 12 -32.14 -12.08 -10.14
C ASP C 12 -31.81 -13.23 -9.22
N VAL C 13 -32.74 -13.53 -8.31
CA VAL C 13 -32.61 -14.67 -7.39
C VAL C 13 -33.26 -15.87 -8.12
N THR C 14 -32.51 -16.98 -8.20
CA THR C 14 -32.90 -18.22 -8.91
C THR C 14 -32.62 -19.40 -7.96
N PRO C 15 -33.12 -20.66 -8.20
CA PRO C 15 -32.83 -21.75 -7.25
C PRO C 15 -31.35 -22.18 -7.27
N HIS C 16 -30.61 -21.73 -8.30
CA HIS C 16 -29.17 -21.99 -8.45
C HIS C 16 -28.35 -21.18 -7.43
N ASN C 17 -28.72 -19.89 -7.23
CA ASN C 17 -28.04 -18.92 -6.34
C ASN C 17 -28.73 -18.65 -4.99
N ILE C 18 -29.82 -19.39 -4.65
CA ILE C 18 -30.56 -19.20 -3.39
C ILE C 18 -29.70 -19.53 -2.16
N LYS C 19 -28.83 -20.54 -2.25
CA LYS C 19 -27.96 -20.95 -1.15
C LYS C 19 -26.83 -19.95 -0.93
N GLN C 20 -26.50 -19.16 -1.98
CA GLN C 20 -25.53 -18.07 -1.99
C GLN C 20 -26.18 -16.89 -1.22
N LEU C 21 -27.49 -16.59 -1.54
CA LEU C 21 -28.31 -15.54 -0.91
C LEU C 21 -28.49 -15.81 0.57
N LYS C 22 -28.71 -17.09 0.93
CA LYS C 22 -28.89 -17.50 2.31
C LYS C 22 -27.63 -17.30 3.13
N ARG C 23 -26.46 -17.67 2.58
CA ARG C 23 -25.17 -17.52 3.25
C ARG C 23 -24.89 -16.02 3.55
N LEU C 24 -25.18 -15.14 2.57
CA LEU C 24 -25.02 -13.69 2.68
C LEU C 24 -25.87 -13.16 3.85
N ASN C 25 -27.19 -13.53 3.90
CA ASN C 25 -28.10 -13.14 4.99
C ASN C 25 -27.64 -13.61 6.36
N GLN C 26 -27.04 -14.81 6.45
CA GLN C 26 -26.50 -15.37 7.70
C GLN C 26 -25.29 -14.60 8.23
N VAL C 27 -24.44 -14.08 7.31
CA VAL C 27 -23.23 -13.33 7.68
C VAL C 27 -23.58 -11.85 8.06
N ILE C 28 -24.46 -11.22 7.27
CA ILE C 28 -24.84 -9.81 7.38
C ILE C 28 -25.88 -9.53 8.49
N PHE C 29 -26.96 -10.32 8.56
CA PHE C 29 -28.05 -10.01 9.47
C PHE C 29 -28.02 -10.74 10.82
N PRO C 30 -28.47 -10.05 11.92
CA PRO C 30 -28.51 -10.70 13.24
C PRO C 30 -29.70 -11.67 13.40
N VAL C 31 -30.60 -11.73 12.39
CA VAL C 31 -31.78 -12.59 12.40
C VAL C 31 -31.67 -13.70 11.33
N SER C 32 -31.84 -14.96 11.76
CA SER C 32 -31.84 -16.13 10.88
C SER C 32 -33.22 -16.28 10.27
N TYR C 33 -33.29 -16.43 8.95
CA TYR C 33 -34.59 -16.60 8.32
C TYR C 33 -34.85 -18.06 7.99
N ASN C 34 -36.12 -18.46 8.15
CA ASN C 34 -36.57 -19.82 7.93
C ASN C 34 -36.80 -20.12 6.47
N ASP C 35 -37.01 -21.41 6.15
CA ASP C 35 -37.22 -21.91 4.79
C ASP C 35 -38.39 -21.26 4.05
N LYS C 36 -39.47 -20.86 4.76
CA LYS C 36 -40.63 -20.20 4.15
C LYS C 36 -40.17 -18.89 3.50
N PHE C 37 -39.24 -18.16 4.18
CA PHE C 37 -38.63 -16.92 3.71
C PHE C 37 -37.98 -17.11 2.32
N TYR C 38 -37.05 -18.08 2.22
CA TYR C 38 -36.30 -18.38 1.01
C TYR C 38 -37.15 -18.99 -0.12
N LYS C 39 -38.29 -19.61 0.23
CA LYS C 39 -39.25 -20.16 -0.73
C LYS C 39 -40.01 -18.96 -1.33
N ASP C 40 -40.42 -18.00 -0.47
CA ASP C 40 -41.12 -16.76 -0.84
C ASP C 40 -40.27 -15.87 -1.75
N VAL C 41 -38.96 -15.73 -1.40
CA VAL C 41 -37.95 -14.94 -2.12
C VAL C 41 -37.94 -15.27 -3.64
N LEU C 42 -37.97 -16.58 -3.97
CA LEU C 42 -37.96 -17.10 -5.35
C LEU C 42 -39.23 -16.78 -6.15
N GLU C 43 -40.32 -16.38 -5.46
CA GLU C 43 -41.63 -16.10 -6.06
C GLU C 43 -42.00 -14.61 -6.16
N VAL C 44 -41.20 -13.69 -5.58
CA VAL C 44 -41.50 -12.25 -5.59
C VAL C 44 -40.94 -11.51 -6.84
N GLY C 45 -40.16 -12.23 -7.66
CA GLY C 45 -39.58 -11.68 -8.88
C GLY C 45 -38.53 -10.62 -8.62
N GLU C 46 -38.76 -9.40 -9.16
CA GLU C 46 -37.92 -8.18 -9.06
C GLU C 46 -37.75 -7.69 -7.61
N LEU C 47 -38.65 -8.09 -6.70
CA LEU C 47 -38.63 -7.68 -5.30
C LEU C 47 -37.48 -8.30 -4.49
N ALA C 48 -36.74 -9.25 -5.09
CA ALA C 48 -35.57 -9.87 -4.47
C ALA C 48 -34.45 -9.83 -5.49
N LYS C 49 -33.33 -9.20 -5.11
CA LYS C 49 -32.18 -9.05 -5.99
C LYS C 49 -30.90 -9.28 -5.24
N LEU C 50 -29.92 -9.86 -5.91
CA LEU C 50 -28.59 -10.06 -5.34
C LEU C 50 -27.74 -8.94 -5.86
N ALA C 51 -26.86 -8.39 -5.01
CA ALA C 51 -25.95 -7.33 -5.41
C ALA C 51 -24.60 -7.95 -5.69
N TYR C 52 -24.04 -7.62 -6.84
CA TYR C 52 -22.74 -8.13 -7.31
C TYR C 52 -21.72 -7.02 -7.41
N PHE C 53 -20.50 -7.30 -6.95
CA PHE C 53 -19.36 -6.36 -7.03
C PHE C 53 -18.35 -7.11 -7.84
N ASN C 54 -18.13 -6.67 -9.09
CA ASN C 54 -17.25 -7.35 -10.07
C ASN C 54 -17.61 -8.84 -10.18
N ASP C 55 -18.93 -9.14 -10.27
CA ASP C 55 -19.52 -10.49 -10.36
C ASP C 55 -19.42 -11.33 -9.09
N ILE C 56 -19.08 -10.72 -7.95
CA ILE C 56 -19.02 -11.45 -6.68
C ILE C 56 -20.27 -11.02 -5.95
N ALA C 57 -21.01 -11.99 -5.43
CA ALA C 57 -22.25 -11.72 -4.68
C ALA C 57 -21.85 -11.16 -3.31
N VAL C 58 -22.16 -9.87 -3.08
CA VAL C 58 -21.74 -9.21 -1.83
C VAL C 58 -22.93 -8.73 -1.00
N GLY C 59 -24.10 -8.71 -1.61
CA GLY C 59 -25.29 -8.24 -0.94
C GLY C 59 -26.56 -8.79 -1.55
N ALA C 60 -27.68 -8.40 -0.96
CA ALA C 60 -29.01 -8.80 -1.40
C ALA C 60 -30.05 -7.91 -0.76
N VAL C 61 -31.14 -7.71 -1.47
CA VAL C 61 -32.35 -7.00 -1.07
C VAL C 61 -33.52 -8.00 -1.27
N CYS C 62 -34.38 -8.16 -0.25
CA CYS C 62 -35.53 -9.07 -0.27
C CYS C 62 -36.75 -8.30 0.26
N CYS C 63 -37.73 -8.00 -0.62
CA CYS C 63 -38.94 -7.24 -0.30
C CYS C 63 -40.19 -8.12 -0.41
N ARG C 64 -41.34 -7.58 0.06
CA ARG C 64 -42.65 -8.20 -0.02
C ARG C 64 -43.72 -7.12 -0.10
N VAL C 65 -44.90 -7.48 -0.64
CA VAL C 65 -46.05 -6.57 -0.74
C VAL C 65 -46.88 -6.76 0.55
N ASP C 66 -47.40 -5.65 1.09
CA ASP C 66 -48.20 -5.68 2.31
C ASP C 66 -49.52 -4.94 2.08
N HIS C 67 -50.63 -5.69 2.10
CA HIS C 67 -51.98 -5.13 1.95
C HIS C 67 -52.59 -5.08 3.35
N SER C 68 -52.39 -3.94 4.04
CA SER C 68 -52.87 -3.68 5.40
C SER C 68 -53.07 -2.19 5.63
N GLN C 69 -53.87 -1.83 6.67
CA GLN C 69 -54.19 -0.44 7.05
C GLN C 69 -54.85 0.38 5.90
N ASN C 70 -55.59 -0.33 4.99
CA ASN C 70 -56.30 0.20 3.82
C ASN C 70 -55.39 0.95 2.82
N GLN C 71 -54.20 0.36 2.54
CA GLN C 71 -53.20 0.90 1.60
C GLN C 71 -52.26 -0.18 1.06
N LYS C 72 -51.72 0.03 -0.15
CA LYS C 72 -50.77 -0.89 -0.79
C LYS C 72 -49.33 -0.47 -0.42
N ARG C 73 -48.73 -1.21 0.53
CA ARG C 73 -47.37 -0.95 1.03
C ARG C 73 -46.33 -1.93 0.48
N LEU C 74 -45.07 -1.47 0.36
CA LEU C 74 -43.93 -2.32 0.04
C LEU C 74 -43.08 -2.43 1.32
N TYR C 75 -42.77 -3.66 1.74
CA TYR C 75 -41.99 -3.90 2.94
C TYR C 75 -40.63 -4.47 2.61
N ILE C 76 -39.54 -3.77 3.03
CA ILE C 76 -38.17 -4.25 2.87
C ILE C 76 -37.91 -5.14 4.08
N MET C 77 -37.65 -6.41 3.84
CA MET C 77 -37.38 -7.39 4.90
C MET C 77 -35.89 -7.37 5.26
N THR C 78 -35.02 -7.36 4.23
CA THR C 78 -33.57 -7.33 4.34
C THR C 78 -33.01 -6.54 3.17
N LEU C 79 -31.99 -5.74 3.47
CA LEU C 79 -31.24 -4.94 2.50
C LEU C 79 -29.90 -4.79 3.18
N GLY C 80 -28.87 -5.40 2.59
CA GLY C 80 -27.55 -5.38 3.18
C GLY C 80 -26.43 -5.87 2.29
N CYS C 81 -25.20 -5.57 2.70
CA CYS C 81 -24.03 -6.06 1.99
C CYS C 81 -22.89 -6.34 2.98
N LEU C 82 -21.95 -7.20 2.57
CA LEU C 82 -20.79 -7.62 3.37
C LEU C 82 -20.00 -6.39 3.80
N ALA C 83 -19.53 -6.39 5.08
CA ALA C 83 -18.81 -5.25 5.68
C ALA C 83 -17.65 -4.70 4.86
N PRO C 84 -16.70 -5.50 4.26
CA PRO C 84 -15.61 -4.86 3.51
C PRO C 84 -16.03 -4.08 2.25
N TYR C 85 -17.28 -4.24 1.79
CA TYR C 85 -17.82 -3.60 0.59
C TYR C 85 -18.76 -2.41 0.88
N ARG C 86 -18.86 -2.00 2.14
CA ARG C 86 -19.75 -0.89 2.48
C ARG C 86 -19.18 0.46 2.02
N ARG C 87 -20.06 1.44 1.83
CA ARG C 87 -19.71 2.81 1.43
C ARG C 87 -19.10 2.86 0.02
N LEU C 88 -19.57 1.97 -0.87
CA LEU C 88 -19.18 1.87 -2.29
C LEU C 88 -20.42 2.11 -3.18
N GLY C 89 -21.58 2.36 -2.56
CA GLY C 89 -22.83 2.60 -3.26
C GLY C 89 -23.64 1.35 -3.60
N ILE C 90 -23.31 0.19 -2.98
CA ILE C 90 -24.05 -1.09 -3.18
C ILE C 90 -25.47 -0.97 -2.56
N GLY C 91 -25.54 -0.44 -1.34
CA GLY C 91 -26.80 -0.21 -0.65
C GLY C 91 -27.72 0.70 -1.44
N THR C 92 -27.15 1.77 -2.03
CA THR C 92 -27.86 2.77 -2.85
C THR C 92 -28.45 2.11 -4.11
N LYS C 93 -27.66 1.25 -4.78
CA LYS C 93 -28.11 0.55 -5.97
C LYS C 93 -29.38 -0.26 -5.67
N MET C 94 -29.34 -1.07 -4.59
CA MET C 94 -30.42 -1.94 -4.14
C MET C 94 -31.66 -1.16 -3.71
N LEU C 95 -31.50 -0.04 -2.98
CA LEU C 95 -32.64 0.77 -2.56
C LEU C 95 -33.21 1.59 -3.75
N ASN C 96 -32.36 2.16 -4.63
CA ASN C 96 -32.84 2.89 -5.81
C ASN C 96 -33.66 1.97 -6.74
N HIS C 97 -33.28 0.67 -6.83
CA HIS C 97 -33.98 -0.35 -7.61
C HIS C 97 -35.39 -0.57 -7.05
N VAL C 98 -35.55 -0.71 -5.72
CA VAL C 98 -36.86 -0.92 -5.11
C VAL C 98 -37.75 0.33 -5.29
N LEU C 99 -37.15 1.54 -5.25
CA LEU C 99 -37.89 2.79 -5.45
C LEU C 99 -38.37 2.85 -6.90
N ASN C 100 -37.53 2.36 -7.85
CA ASN C 100 -37.80 2.28 -9.29
C ASN C 100 -38.95 1.30 -9.63
N ILE C 101 -39.16 0.25 -8.79
CA ILE C 101 -40.26 -0.71 -8.95
C ILE C 101 -41.55 0.00 -8.57
N CYS C 102 -41.60 0.60 -7.36
CA CYS C 102 -42.74 1.36 -6.83
C CYS C 102 -43.13 2.59 -7.70
N GLU C 103 -42.19 3.10 -8.51
CA GLU C 103 -42.38 4.24 -9.41
C GLU C 103 -42.96 3.81 -10.77
N LYS C 104 -42.46 2.69 -11.34
CA LYS C 104 -42.91 2.15 -12.63
C LYS C 104 -44.21 1.35 -12.49
N ASP C 105 -44.59 1.02 -11.25
CA ASP C 105 -45.82 0.33 -10.89
C ASP C 105 -46.87 1.45 -10.70
N GLY C 106 -46.58 2.39 -9.78
CA GLY C 106 -47.41 3.55 -9.49
C GLY C 106 -48.52 3.37 -8.46
N THR C 107 -48.89 2.11 -8.14
CA THR C 107 -49.99 1.83 -7.22
C THR C 107 -49.58 1.87 -5.73
N PHE C 108 -48.26 1.80 -5.43
CA PHE C 108 -47.75 1.79 -4.06
C PHE C 108 -47.95 3.11 -3.31
N ASP C 109 -48.40 3.02 -2.05
CA ASP C 109 -48.67 4.16 -1.17
C ASP C 109 -47.43 4.58 -0.36
N ASN C 110 -46.82 3.61 0.34
CA ASN C 110 -45.62 3.84 1.15
C ASN C 110 -44.69 2.63 1.16
N ILE C 111 -43.43 2.88 1.48
CA ILE C 111 -42.44 1.83 1.60
C ILE C 111 -41.94 1.86 3.03
N TYR C 112 -42.00 0.73 3.74
CA TYR C 112 -41.57 0.73 5.11
C TYR C 112 -40.68 -0.48 5.49
N LEU C 113 -40.08 -0.43 6.68
CA LEU C 113 -39.16 -1.48 7.17
C LEU C 113 -38.87 -1.37 8.67
N HIS C 114 -38.22 -2.37 9.24
CA HIS C 114 -37.81 -2.38 10.62
C HIS C 114 -36.31 -2.27 10.70
N VAL C 115 -35.80 -1.44 11.64
CA VAL C 115 -34.37 -1.23 11.87
C VAL C 115 -34.17 -1.24 13.36
N GLN C 116 -33.30 -2.14 13.85
CA GLN C 116 -32.92 -2.26 15.26
C GLN C 116 -32.40 -0.88 15.67
N ILE C 117 -32.91 -0.35 16.79
CA ILE C 117 -32.60 1.02 17.28
C ILE C 117 -31.08 1.30 17.43
N SER C 118 -30.26 0.24 17.60
CA SER C 118 -28.80 0.33 17.73
C SER C 118 -28.08 0.48 16.34
N ASN C 119 -28.76 0.13 15.23
CA ASN C 119 -28.17 0.23 13.89
C ASN C 119 -28.19 1.67 13.42
N GLU C 120 -27.21 2.44 13.87
CA GLU C 120 -27.08 3.88 13.58
C GLU C 120 -26.78 4.15 12.12
N SER C 121 -25.96 3.28 11.54
CA SER C 121 -25.54 3.26 10.16
C SER C 121 -26.78 3.11 9.23
N ALA C 122 -27.73 2.21 9.57
CA ALA C 122 -28.93 2.01 8.74
C ALA C 122 -29.91 3.17 8.87
N ILE C 123 -30.08 3.75 10.09
CA ILE C 123 -30.95 4.92 10.30
C ILE C 123 -30.48 6.06 9.40
N ASP C 124 -29.16 6.35 9.44
CA ASP C 124 -28.49 7.36 8.61
C ASP C 124 -28.75 7.13 7.14
N PHE C 125 -28.58 5.88 6.69
CA PHE C 125 -28.76 5.48 5.30
C PHE C 125 -30.21 5.71 4.81
N TYR C 126 -31.21 5.20 5.54
CA TYR C 126 -32.62 5.31 5.14
C TYR C 126 -33.14 6.74 5.20
N ARG C 127 -32.72 7.49 6.22
CA ARG C 127 -33.10 8.90 6.38
C ARG C 127 -32.59 9.75 5.21
N LYS C 128 -31.39 9.42 4.68
CA LYS C 128 -30.77 10.10 3.52
C LYS C 128 -31.68 9.98 2.26
N PHE C 129 -32.52 8.95 2.18
CA PHE C 129 -33.44 8.67 1.06
C PHE C 129 -34.91 9.13 1.30
N GLY C 130 -35.17 9.80 2.40
CA GLY C 130 -36.51 10.31 2.71
C GLY C 130 -37.34 9.46 3.64
N PHE C 131 -36.81 8.33 4.15
CA PHE C 131 -37.52 7.52 5.13
C PHE C 131 -37.50 8.27 6.45
N GLU C 132 -38.59 8.17 7.21
CA GLU C 132 -38.75 8.84 8.49
C GLU C 132 -39.11 7.83 9.57
N ILE C 133 -38.65 8.05 10.81
CA ILE C 133 -38.99 7.17 11.93
C ILE C 133 -40.43 7.55 12.35
N ILE C 134 -41.38 6.69 12.03
CA ILE C 134 -42.78 6.98 12.29
C ILE C 134 -43.25 6.34 13.59
N GLU C 135 -42.48 5.37 14.13
CA GLU C 135 -42.79 4.62 15.34
C GLU C 135 -41.54 3.87 15.82
N THR C 136 -41.54 3.44 17.10
CA THR C 136 -40.52 2.61 17.74
C THR C 136 -41.26 1.42 18.41
N LYS C 137 -41.19 0.24 17.79
CA LYS C 137 -41.82 -0.98 18.29
C LYS C 137 -40.98 -1.59 19.40
N LYS C 138 -41.57 -1.70 20.60
CA LYS C 138 -40.89 -2.27 21.76
C LYS C 138 -40.89 -3.81 21.65
N ASN C 139 -39.75 -4.42 22.00
CA ASN C 139 -39.49 -5.86 21.97
C ASN C 139 -39.91 -6.54 20.65
N TYR C 140 -39.60 -5.89 19.49
CA TYR C 140 -39.89 -6.41 18.15
C TYR C 140 -39.11 -7.71 17.88
N TYR C 141 -37.84 -7.79 18.34
CA TYR C 141 -36.98 -8.96 18.18
C TYR C 141 -37.06 -9.84 19.43
N LYS C 142 -36.90 -11.17 19.26
CA LYS C 142 -37.05 -12.11 20.37
C LYS C 142 -35.73 -12.64 20.98
N ARG C 143 -34.58 -12.56 20.27
CA ARG C 143 -33.31 -13.05 20.82
C ARG C 143 -32.26 -11.97 21.00
N ILE C 144 -32.03 -11.14 19.95
CA ILE C 144 -31.01 -10.10 19.90
C ILE C 144 -31.33 -8.91 20.80
N GLU C 145 -30.27 -8.24 21.27
CA GLU C 145 -30.34 -7.04 22.09
C GLU C 145 -29.70 -5.86 21.35
N PRO C 146 -30.38 -4.68 21.25
CA PRO C 146 -31.72 -4.36 21.78
C PRO C 146 -32.85 -4.95 20.94
N ALA C 147 -33.96 -5.30 21.61
CA ALA C 147 -35.14 -5.89 21.00
C ALA C 147 -36.01 -4.84 20.30
N ASP C 148 -35.75 -3.56 20.56
CA ASP C 148 -36.52 -2.46 19.97
C ASP C 148 -36.13 -2.19 18.52
N ALA C 149 -37.14 -1.85 17.70
CA ALA C 149 -36.95 -1.54 16.30
C ALA C 149 -37.75 -0.34 15.89
N HIS C 150 -37.08 0.60 15.19
CA HIS C 150 -37.73 1.77 14.63
C HIS C 150 -38.43 1.29 13.37
N VAL C 151 -39.55 1.92 13.04
CA VAL C 151 -40.28 1.65 11.81
C VAL C 151 -39.95 2.85 10.97
N LEU C 152 -39.36 2.62 9.79
CA LEU C 152 -39.00 3.70 8.89
C LEU C 152 -39.86 3.64 7.67
N GLN C 153 -40.46 4.78 7.30
CA GLN C 153 -41.37 4.81 6.16
C GLN C 153 -41.09 5.97 5.22
N LYS C 154 -41.11 5.68 3.92
CA LYS C 154 -40.98 6.68 2.86
C LYS C 154 -42.33 6.70 2.12
N ASN C 155 -43.01 7.86 2.11
CA ASN C 155 -44.29 8.04 1.43
C ASN C 155 -44.08 8.28 -0.07
N LEU C 156 -44.92 7.65 -0.90
CA LEU C 156 -44.84 7.73 -2.36
C LEU C 156 -46.06 8.45 -2.95
#